data_1U1L
#
_entry.id   1U1L
#
_cell.length_a   50.853
_cell.length_b   50.853
_cell.length_c   172.962
_cell.angle_alpha   90.00
_cell.angle_beta   90.00
_cell.angle_gamma   90.00
#
_symmetry.space_group_name_H-M   'P 43 21 2'
#
loop_
_entity.id
_entity.type
_entity.pdbx_description
1 polymer "5'-D(*TP*AP*GP*GP*GP*TP*TP*(PRN)P*GP*GP*G)-3'"
2 polymer 'Heterogeneous nuclear ribonucleoprotein A1'
3 water water
#
loop_
_entity_poly.entity_id
_entity_poly.type
_entity_poly.pdbx_seq_one_letter_code
_entity_poly.pdbx_strand_id
1 'polydeoxyribonucleotide' (DT)(DA)(DG)(DG)(DG)(DT)(DT)(PRN)(DG)(DG)(DG) B
2 'polypeptide(L)'
;MSKSESPKEPEQLRKLFIGGLSFETTDESLRSHFEQWGTLTDCVVMRDPNTKRSRGFGFVTYATVEEVDAAMNARPHKVD
GRVVEPKRAVSREDSQRPGAHLTVKKIFVGGIKEDTEEHHLRDYFEQYGKIEVIEIMTDRGSGKKRGFAFVTFDDHDSVD
KIVIQKYHTVNGHNCEVRKALSKQEMASASSSQRGR
;
A
#
loop_
_chem_comp.id
_chem_comp.type
_chem_comp.name
_chem_comp.formula
DA DNA linking 2'-DEOXYADENOSINE-5'-MONOPHOSPHATE 'C10 H14 N5 O6 P'
DG DNA linking 2'-DEOXYGUANOSINE-5'-MONOPHOSPHATE 'C10 H14 N5 O7 P'
DT DNA linking THYMIDINE-5'-MONOPHOSPHATE 'C10 H15 N2 O8 P'
PRN DNA linking 'PURINE 2'-DEOXYRIBO-5'-MONOPHOSPHATE' 'C10 H13 N4 O6 P'
#
# COMPACT_ATOMS: atom_id res chain seq x y z
N1 PRN A 8 10.47 23.07 -13.77
C2 PRN A 8 11.26 23.43 -14.85
N3 PRN A 8 12.19 22.62 -15.37
C4 PRN A 8 12.26 21.41 -14.72
C5 PRN A 8 11.51 20.96 -13.64
C6 PRN A 8 10.52 21.84 -13.08
N7 PRN A 8 11.89 19.68 -13.28
C8 PRN A 8 12.83 19.38 -14.13
N9 PRN A 8 13.10 20.39 -15.03
C1' PRN A 8 14.08 20.42 -16.09
C2' PRN A 8 15.49 19.92 -15.74
C3' PRN A 8 16.04 19.56 -17.10
O3' PRN A 8 16.42 20.80 -17.73
C4' PRN A 8 14.80 18.98 -17.76
O4' PRN A 8 13.64 19.64 -17.19
C5' PRN A 8 14.60 17.49 -17.88
O5' PRN A 8 14.73 16.96 -16.54
P PRN A 8 14.79 15.41 -16.22
OP1 PRN A 8 15.84 14.78 -17.05
OP2 PRN A 8 14.83 15.27 -14.73
N LYS B 8 -13.86 8.01 -14.47
CA LYS B 8 -12.52 7.35 -14.51
C LYS B 8 -11.60 7.88 -13.43
N GLU B 9 -10.92 6.97 -12.75
CA GLU B 9 -9.99 7.36 -11.71
C GLU B 9 -8.58 7.31 -12.31
N PRO B 10 -7.60 7.92 -11.63
CA PRO B 10 -6.22 7.94 -12.11
C PRO B 10 -5.67 6.55 -12.39
N GLU B 11 -4.93 6.43 -13.49
CA GLU B 11 -4.31 5.18 -13.90
C GLU B 11 -3.53 4.56 -12.73
N GLN B 12 -2.77 5.39 -12.04
CA GLN B 12 -1.97 4.92 -10.91
C GLN B 12 -2.80 4.21 -9.83
N LEU B 13 -4.04 4.65 -9.63
CA LEU B 13 -4.90 4.05 -8.61
C LEU B 13 -5.68 2.85 -9.13
N ARG B 14 -5.61 2.61 -10.43
CA ARG B 14 -6.30 1.47 -11.02
C ARG B 14 -5.29 0.35 -11.34
N LYS B 15 -4.03 0.57 -10.98
CA LYS B 15 -2.97 -0.41 -11.26
C LYS B 15 -2.38 -1.14 -10.04
N LEU B 16 -2.15 -2.44 -10.22
CA LEU B 16 -1.58 -3.29 -9.18
C LEU B 16 -0.21 -3.81 -9.62
N PHE B 17 0.70 -3.90 -8.66
CA PHE B 17 2.04 -4.44 -8.92
C PHE B 17 1.86 -5.92 -8.57
N ILE B 18 2.42 -6.82 -9.37
CA ILE B 18 2.30 -8.24 -9.08
C ILE B 18 3.70 -8.83 -8.99
N GLY B 19 4.16 -9.08 -7.76
CA GLY B 19 5.49 -9.62 -7.58
C GLY B 19 5.53 -11.13 -7.42
N GLY B 20 6.72 -11.71 -7.51
CA GLY B 20 6.88 -13.15 -7.37
C GLY B 20 6.30 -13.97 -8.51
N LEU B 21 6.22 -13.38 -9.70
CA LEU B 21 5.68 -14.06 -10.86
C LEU B 21 6.51 -15.29 -11.24
N SER B 22 5.83 -16.37 -11.60
CA SER B 22 6.52 -17.58 -12.00
C SER B 22 7.34 -17.29 -13.24
N PHE B 23 8.43 -18.05 -13.40
CA PHE B 23 9.32 -17.89 -14.53
C PHE B 23 8.59 -17.98 -15.86
N GLU B 24 7.49 -18.73 -15.90
CA GLU B 24 6.77 -18.88 -17.16
C GLU B 24 5.52 -18.05 -17.31
N THR B 25 5.27 -17.13 -16.38
CA THR B 25 4.08 -16.29 -16.48
C THR B 25 4.30 -15.24 -17.56
N THR B 26 3.32 -15.10 -18.45
CA THR B 26 3.42 -14.13 -19.53
C THR B 26 2.27 -13.13 -19.51
N ASP B 27 2.35 -12.10 -20.35
CA ASP B 27 1.28 -11.09 -20.41
C ASP B 27 -0.07 -11.78 -20.52
N GLU B 28 -0.15 -12.77 -21.41
CA GLU B 28 -1.39 -13.50 -21.63
C GLU B 28 -1.85 -14.35 -20.44
N SER B 29 -0.94 -15.06 -19.80
CA SER B 29 -1.33 -15.89 -18.66
C SER B 29 -1.68 -15.01 -17.46
N LEU B 30 -1.01 -13.86 -17.35
CA LEU B 30 -1.29 -12.94 -16.26
C LEU B 30 -2.69 -12.38 -16.46
N ARG B 31 -2.95 -11.91 -17.68
CA ARG B 31 -4.26 -11.35 -18.02
C ARG B 31 -5.35 -12.38 -17.82
N SER B 32 -5.12 -13.59 -18.28
CA SER B 32 -6.09 -14.67 -18.17
C SER B 32 -6.53 -14.91 -16.71
N HIS B 33 -5.65 -14.66 -15.74
CA HIS B 33 -6.00 -14.87 -14.34
C HIS B 33 -6.76 -13.70 -13.71
N PHE B 34 -6.21 -12.49 -13.83
CA PHE B 34 -6.82 -11.33 -13.22
C PHE B 34 -8.07 -10.78 -13.87
N GLU B 35 -8.35 -11.17 -15.10
CA GLU B 35 -9.56 -10.71 -15.78
C GLU B 35 -10.79 -11.27 -15.10
N GLN B 36 -10.58 -12.20 -14.19
CA GLN B 36 -11.67 -12.83 -13.47
C GLN B 36 -12.30 -11.85 -12.47
N TRP B 37 -11.65 -10.71 -12.28
CA TRP B 37 -12.14 -9.71 -11.34
C TRP B 37 -12.43 -8.37 -12.00
N GLY B 38 -12.36 -8.33 -13.34
CA GLY B 38 -12.65 -7.08 -14.02
C GLY B 38 -11.98 -6.91 -15.36
N THR B 39 -12.24 -5.75 -15.98
CA THR B 39 -11.68 -5.40 -17.27
C THR B 39 -10.27 -4.86 -17.11
N LEU B 40 -9.31 -5.49 -17.76
CA LEU B 40 -7.92 -5.03 -17.70
C LEU B 40 -7.64 -4.06 -18.84
N THR B 41 -7.19 -2.86 -18.49
CA THR B 41 -6.87 -1.84 -19.48
C THR B 41 -5.38 -1.92 -19.81
N ASP B 42 -4.68 -2.75 -19.06
CA ASP B 42 -3.24 -2.91 -19.24
C ASP B 42 -2.84 -4.14 -18.44
N CYS B 43 -1.85 -4.86 -18.94
CA CYS B 43 -1.36 -6.07 -18.30
C CYS B 43 0.00 -6.29 -18.92
N VAL B 44 1.01 -6.54 -18.10
CA VAL B 44 2.35 -6.71 -18.66
C VAL B 44 3.37 -7.33 -17.71
N VAL B 45 4.27 -8.11 -18.27
CA VAL B 45 5.33 -8.75 -17.52
C VAL B 45 6.64 -8.05 -17.87
N MET B 46 7.26 -7.42 -16.89
CA MET B 46 8.53 -6.74 -17.13
C MET B 46 9.62 -7.76 -17.41
N ARG B 47 10.34 -7.58 -18.51
CA ARG B 47 11.41 -8.49 -18.90
C ARG B 47 12.73 -7.76 -19.00
N ASP B 48 13.80 -8.52 -19.25
CA ASP B 48 15.13 -7.93 -19.41
C ASP B 48 15.22 -7.48 -20.86
N PRO B 49 15.37 -6.17 -21.09
CA PRO B 49 15.47 -5.65 -22.45
C PRO B 49 16.53 -6.38 -23.26
N ASN B 50 17.44 -7.03 -22.56
CA ASN B 50 18.54 -7.75 -23.19
C ASN B 50 18.19 -9.21 -23.47
N THR B 51 18.22 -10.04 -22.43
CA THR B 51 17.93 -11.45 -22.56
C THR B 51 16.44 -11.73 -22.77
N LYS B 52 15.62 -10.69 -22.66
CA LYS B 52 14.17 -10.83 -22.81
C LYS B 52 13.61 -11.74 -21.72
N ARG B 53 14.45 -12.05 -20.73
CA ARG B 53 14.08 -12.92 -19.62
C ARG B 53 13.12 -12.14 -18.69
N SER B 54 12.13 -12.84 -18.16
CA SER B 54 11.18 -12.22 -17.26
C SER B 54 11.90 -11.72 -16.00
N ARG B 55 11.49 -10.57 -15.49
CA ARG B 55 12.11 -10.05 -14.28
C ARG B 55 11.34 -10.52 -13.05
N GLY B 56 10.39 -11.43 -13.26
CA GLY B 56 9.63 -11.98 -12.15
C GLY B 56 8.59 -11.06 -11.53
N PHE B 57 8.14 -10.06 -12.28
CA PHE B 57 7.12 -9.15 -11.77
C PHE B 57 6.39 -8.47 -12.92
N GLY B 58 5.20 -7.97 -12.64
CA GLY B 58 4.42 -7.30 -13.68
C GLY B 58 3.38 -6.36 -13.09
N PHE B 59 2.47 -5.89 -13.94
CA PHE B 59 1.42 -4.99 -13.51
C PHE B 59 0.12 -5.28 -14.24
N VAL B 60 -0.99 -5.20 -13.51
CA VAL B 60 -2.32 -5.37 -14.10
C VAL B 60 -3.07 -4.10 -13.71
N THR B 61 -3.81 -3.55 -14.66
CA THR B 61 -4.56 -2.33 -14.41
C THR B 61 -6.01 -2.55 -14.78
N TYR B 62 -6.92 -2.30 -13.84
CA TYR B 62 -8.35 -2.47 -14.08
C TYR B 62 -8.98 -1.17 -14.55
N ALA B 63 -10.23 -1.26 -15.00
CA ALA B 63 -10.95 -0.10 -15.48
C ALA B 63 -11.40 0.76 -14.30
N THR B 64 -11.54 0.14 -13.13
CA THR B 64 -11.99 0.88 -11.95
C THR B 64 -11.29 0.38 -10.70
N VAL B 65 -11.15 1.25 -9.70
CA VAL B 65 -10.50 0.86 -8.46
C VAL B 65 -11.35 -0.18 -7.76
N GLU B 66 -12.66 -0.12 -8.00
CA GLU B 66 -13.57 -1.08 -7.37
C GLU B 66 -13.19 -2.49 -7.78
N GLU B 67 -12.77 -2.66 -9.03
CA GLU B 67 -12.34 -3.96 -9.53
C GLU B 67 -11.00 -4.28 -8.88
N VAL B 68 -10.17 -3.27 -8.65
CA VAL B 68 -8.88 -3.48 -8.01
C VAL B 68 -9.11 -4.01 -6.59
N ASP B 69 -10.09 -3.43 -5.91
CA ASP B 69 -10.39 -3.85 -4.54
C ASP B 69 -10.90 -5.28 -4.53
N ALA B 70 -11.64 -5.67 -5.56
CA ALA B 70 -12.17 -7.03 -5.63
C ALA B 70 -10.99 -7.99 -5.76
N ALA B 71 -10.04 -7.65 -6.61
CA ALA B 71 -8.86 -8.48 -6.81
C ALA B 71 -8.09 -8.66 -5.50
N MET B 72 -7.84 -7.56 -4.79
CA MET B 72 -7.10 -7.65 -3.54
C MET B 72 -7.86 -8.43 -2.48
N ASN B 73 -9.18 -8.42 -2.55
CA ASN B 73 -9.96 -9.17 -1.57
C ASN B 73 -9.97 -10.65 -1.95
N ALA B 74 -9.43 -10.97 -3.13
CA ALA B 74 -9.39 -12.33 -3.61
C ALA B 74 -8.10 -13.06 -3.29
N ARG B 75 -7.23 -12.44 -2.50
CA ARG B 75 -5.96 -13.07 -2.11
C ARG B 75 -6.28 -14.31 -1.27
N PRO B 76 -5.40 -15.33 -1.30
CA PRO B 76 -4.15 -15.40 -2.07
C PRO B 76 -4.37 -15.68 -3.56
N HIS B 77 -3.50 -15.12 -4.40
CA HIS B 77 -3.54 -15.30 -5.83
C HIS B 77 -2.44 -16.26 -6.31
N LYS B 78 -2.85 -17.33 -6.98
CA LYS B 78 -1.90 -18.31 -7.49
C LYS B 78 -1.95 -18.22 -9.01
N VAL B 79 -0.83 -17.84 -9.61
CA VAL B 79 -0.74 -17.68 -11.05
C VAL B 79 0.31 -18.62 -11.63
N ASP B 80 -0.11 -19.41 -12.62
CA ASP B 80 0.79 -20.37 -13.26
C ASP B 80 1.43 -21.30 -12.23
N GLY B 81 0.64 -21.69 -11.23
CA GLY B 81 1.11 -22.59 -10.19
C GLY B 81 1.97 -21.99 -9.08
N ARG B 82 2.19 -20.68 -9.12
CA ARG B 82 3.01 -20.00 -8.13
C ARG B 82 2.19 -18.97 -7.38
N VAL B 83 2.30 -18.92 -6.06
CA VAL B 83 1.56 -17.92 -5.31
C VAL B 83 2.28 -16.59 -5.55
N VAL B 84 1.57 -15.61 -6.10
CA VAL B 84 2.17 -14.30 -6.37
C VAL B 84 1.81 -13.30 -5.26
N GLU B 85 2.42 -12.11 -5.32
CA GLU B 85 2.17 -11.09 -4.30
C GLU B 85 1.71 -9.74 -4.87
N PRO B 86 0.38 -9.55 -4.98
CA PRO B 86 -0.21 -8.33 -5.50
C PRO B 86 -0.11 -7.19 -4.50
N LYS B 87 0.20 -5.99 -4.98
CA LYS B 87 0.32 -4.81 -4.11
C LYS B 87 -0.15 -3.58 -4.87
N ARG B 88 -0.68 -2.60 -4.15
CA ARG B 88 -1.11 -1.36 -4.80
C ARG B 88 0.13 -0.81 -5.51
N ALA B 89 -0.04 -0.35 -6.75
CA ALA B 89 1.10 0.17 -7.52
C ALA B 89 1.56 1.52 -6.96
N VAL B 90 2.82 1.60 -6.52
CA VAL B 90 3.40 2.83 -5.99
C VAL B 90 4.04 3.60 -7.14
N SER B 91 3.73 4.91 -7.25
CA SER B 91 4.25 5.71 -8.35
C SER B 91 5.78 5.71 -8.42
N ARG B 92 6.30 5.94 -9.61
CA ARG B 92 7.74 5.98 -9.81
C ARG B 92 8.33 7.02 -8.86
N GLU B 93 7.64 8.13 -8.70
CA GLU B 93 8.09 9.20 -7.80
C GLU B 93 8.18 8.73 -6.34
N ASP B 94 7.11 8.11 -5.83
CA ASP B 94 7.14 7.66 -4.45
C ASP B 94 8.02 6.43 -4.22
N SER B 95 8.26 5.66 -5.27
CA SER B 95 9.08 4.46 -5.16
C SER B 95 10.53 4.86 -4.86
N GLN B 96 10.76 6.17 -4.86
CA GLN B 96 12.07 6.73 -4.59
C GLN B 96 12.34 6.85 -3.09
N ARG B 97 11.27 6.96 -2.31
CA ARG B 97 11.39 7.11 -0.88
C ARG B 97 11.73 5.81 -0.17
N PRO B 98 12.61 5.88 0.85
CA PRO B 98 13.04 4.70 1.61
C PRO B 98 11.89 3.86 2.15
N GLY B 99 11.96 2.55 1.90
CA GLY B 99 10.94 1.64 2.37
C GLY B 99 9.56 1.78 1.74
N ALA B 100 9.48 2.47 0.61
CA ALA B 100 8.20 2.67 -0.06
C ALA B 100 7.54 1.35 -0.50
N HIS B 101 8.35 0.32 -0.69
CA HIS B 101 7.82 -0.97 -1.13
C HIS B 101 7.76 -2.05 -0.07
N LEU B 102 7.97 -1.68 1.19
CA LEU B 102 7.91 -2.63 2.29
C LEU B 102 6.48 -3.08 2.59
N THR B 103 6.36 -4.32 3.05
CA THR B 103 5.08 -4.89 3.42
C THR B 103 4.99 -4.60 4.92
N VAL B 104 4.22 -3.58 5.29
CA VAL B 104 4.07 -3.23 6.70
C VAL B 104 2.60 -3.02 7.07
N LYS B 105 2.29 -3.17 8.35
CA LYS B 105 0.93 -3.03 8.84
C LYS B 105 0.71 -1.77 9.67
N LYS B 106 1.80 -1.06 9.96
CA LYS B 106 1.74 0.15 10.77
C LYS B 106 2.09 1.42 10.01
N ILE B 107 1.36 2.50 10.29
CA ILE B 107 1.63 3.78 9.65
C ILE B 107 1.96 4.87 10.66
N PHE B 108 2.80 5.79 10.22
CA PHE B 108 3.19 6.96 11.00
C PHE B 108 2.22 8.06 10.58
N VAL B 109 1.61 8.72 11.55
CA VAL B 109 0.67 9.80 11.27
C VAL B 109 1.24 11.04 11.97
N GLY B 110 1.75 11.98 11.18
CA GLY B 110 2.34 13.16 11.78
C GLY B 110 1.63 14.46 11.46
N GLY B 111 1.65 15.37 12.43
CA GLY B 111 1.01 16.66 12.26
C GLY B 111 -0.38 16.68 12.87
N ILE B 112 -0.64 15.83 13.87
CA ILE B 112 -1.95 15.81 14.50
C ILE B 112 -2.00 16.83 15.64
N LYS B 113 -3.12 17.52 15.78
CA LYS B 113 -3.29 18.53 16.83
C LYS B 113 -3.08 17.96 18.22
N GLU B 114 -2.79 18.84 19.17
CA GLU B 114 -2.55 18.47 20.56
C GLU B 114 -3.75 17.75 21.17
N ASP B 115 -4.94 18.24 20.87
CA ASP B 115 -6.17 17.67 21.42
C ASP B 115 -6.68 16.46 20.62
N THR B 116 -5.78 15.81 19.87
CA THR B 116 -6.17 14.64 19.10
C THR B 116 -6.32 13.42 19.98
N GLU B 117 -7.48 12.78 19.88
CA GLU B 117 -7.80 11.58 20.65
C GLU B 117 -7.95 10.37 19.71
N GLU B 118 -7.88 9.17 20.27
CA GLU B 118 -8.00 7.97 19.45
C GLU B 118 -9.24 7.89 18.60
N HIS B 119 -10.38 8.36 19.11
CA HIS B 119 -11.60 8.31 18.32
C HIS B 119 -11.44 9.12 17.05
N HIS B 120 -10.58 10.14 17.09
CA HIS B 120 -10.37 10.97 15.90
C HIS B 120 -9.70 10.11 14.83
N LEU B 121 -8.70 9.34 15.24
CA LEU B 121 -7.99 8.47 14.32
C LEU B 121 -8.92 7.40 13.74
N ARG B 122 -9.72 6.77 14.59
CA ARG B 122 -10.63 5.74 14.13
C ARG B 122 -11.63 6.25 13.10
N ASP B 123 -12.21 7.41 13.35
CA ASP B 123 -13.21 7.97 12.43
C ASP B 123 -12.69 8.19 11.02
N TYR B 124 -11.37 8.26 10.87
CA TYR B 124 -10.82 8.44 9.53
C TYR B 124 -10.21 7.13 9.02
N PHE B 125 -9.48 6.43 9.88
CA PHE B 125 -8.80 5.22 9.46
C PHE B 125 -9.56 3.89 9.39
N GLU B 126 -10.59 3.71 10.21
CA GLU B 126 -11.31 2.46 10.18
C GLU B 126 -11.85 2.11 8.78
N GLN B 127 -12.15 3.13 7.97
CA GLN B 127 -12.66 2.89 6.63
C GLN B 127 -11.69 2.13 5.73
N TYR B 128 -10.43 2.06 6.14
CA TYR B 128 -9.42 1.37 5.35
C TYR B 128 -9.17 -0.09 5.74
N GLY B 129 -9.57 -0.46 6.95
CA GLY B 129 -9.36 -1.83 7.39
C GLY B 129 -9.46 -1.98 8.89
N LYS B 130 -9.33 -3.20 9.37
CA LYS B 130 -9.39 -3.49 10.80
C LYS B 130 -8.18 -2.87 11.50
N ILE B 131 -8.44 -2.08 12.52
CA ILE B 131 -7.36 -1.45 13.27
C ILE B 131 -7.02 -2.35 14.45
N GLU B 132 -5.74 -2.61 14.64
CA GLU B 132 -5.29 -3.47 15.73
C GLU B 132 -4.76 -2.67 16.91
N VAL B 133 -4.01 -1.60 16.62
CA VAL B 133 -3.43 -0.76 17.66
C VAL B 133 -3.36 0.70 17.26
N ILE B 134 -3.60 1.58 18.23
CA ILE B 134 -3.53 3.02 18.02
C ILE B 134 -2.65 3.62 19.11
N GLU B 135 -1.64 4.37 18.72
CA GLU B 135 -0.70 4.95 19.69
C GLU B 135 -0.43 6.45 19.48
N ILE B 136 -1.03 7.29 20.30
CA ILE B 136 -0.79 8.73 20.20
C ILE B 136 0.44 9.00 21.08
N MET B 137 1.55 9.31 20.43
CA MET B 137 2.82 9.51 21.09
C MET B 137 3.00 10.76 21.96
N THR B 138 3.63 10.54 23.11
CA THR B 138 3.91 11.61 24.05
C THR B 138 5.33 11.44 24.57
N ASP B 139 5.89 12.52 25.10
CA ASP B 139 7.23 12.44 25.61
C ASP B 139 7.25 11.69 26.94
N ARG B 140 8.15 10.71 27.00
CA ARG B 140 8.33 9.88 28.19
C ARG B 140 9.11 10.71 29.21
N GLY B 141 8.39 11.48 30.00
CA GLY B 141 9.06 12.30 31.00
C GLY B 141 8.27 13.55 31.29
N SER B 142 7.96 14.33 30.26
CA SER B 142 7.18 15.55 30.42
C SER B 142 5.70 15.25 30.25
N GLY B 143 5.40 14.18 29.52
CA GLY B 143 4.02 13.82 29.27
C GLY B 143 3.41 14.67 28.16
N LYS B 144 4.25 15.51 27.56
CA LYS B 144 3.82 16.40 26.49
C LYS B 144 3.43 15.62 25.24
N LYS B 145 2.42 16.12 24.52
CA LYS B 145 1.96 15.49 23.28
C LYS B 145 2.99 15.85 22.21
N ARG B 146 3.49 14.86 21.47
CA ARG B 146 4.49 15.09 20.44
C ARG B 146 3.98 15.40 19.02
N GLY B 147 2.67 15.33 18.82
CA GLY B 147 2.13 15.64 17.51
C GLY B 147 2.15 14.57 16.44
N PHE B 148 2.20 13.30 16.85
CA PHE B 148 2.17 12.20 15.87
C PHE B 148 1.69 10.90 16.52
N ALA B 149 1.22 9.98 15.68
CA ALA B 149 0.71 8.70 16.19
C ALA B 149 1.11 7.55 15.28
N PHE B 150 0.86 6.33 15.78
CA PHE B 150 1.13 5.11 15.03
C PHE B 150 -0.19 4.35 15.04
N VAL B 151 -0.57 3.80 13.90
CA VAL B 151 -1.81 3.04 13.78
C VAL B 151 -1.44 1.74 13.09
N THR B 152 -1.71 0.62 13.75
CA THR B 152 -1.39 -0.69 13.19
C THR B 152 -2.65 -1.38 12.69
N PHE B 153 -2.61 -1.89 11.46
CA PHE B 153 -3.76 -2.57 10.89
C PHE B 153 -3.58 -4.08 10.88
N ASP B 154 -4.65 -4.76 10.47
CA ASP B 154 -4.67 -6.21 10.40
C ASP B 154 -4.15 -6.68 9.03
N ASP B 155 -4.25 -5.81 8.03
CA ASP B 155 -3.84 -6.16 6.66
C ASP B 155 -2.92 -5.09 6.06
N HIS B 156 -1.80 -5.53 5.50
CA HIS B 156 -0.85 -4.60 4.88
C HIS B 156 -1.48 -3.82 3.73
N ASP B 157 -2.53 -4.36 3.13
CA ASP B 157 -3.18 -3.66 2.02
C ASP B 157 -3.89 -2.40 2.54
N SER B 158 -4.30 -2.40 3.80
CA SER B 158 -4.96 -1.22 4.38
C SER B 158 -3.97 -0.07 4.35
N VAL B 159 -2.76 -0.34 4.80
CA VAL B 159 -1.69 0.65 4.81
C VAL B 159 -1.38 1.10 3.38
N ASP B 160 -1.32 0.16 2.45
CA ASP B 160 -1.01 0.53 1.07
C ASP B 160 -2.10 1.42 0.46
N LYS B 161 -3.36 1.09 0.68
CA LYS B 161 -4.48 1.89 0.18
C LYS B 161 -4.40 3.32 0.73
N ILE B 162 -3.85 3.45 1.93
CA ILE B 162 -3.72 4.74 2.59
C ILE B 162 -2.57 5.58 2.06
N VAL B 163 -1.36 5.04 2.10
CA VAL B 163 -0.20 5.80 1.66
C VAL B 163 -0.21 6.26 0.20
N ILE B 164 -1.00 5.62 -0.66
CA ILE B 164 -1.06 6.04 -2.05
C ILE B 164 -1.89 7.29 -2.25
N GLN B 165 -2.80 7.58 -1.31
CA GLN B 165 -3.62 8.80 -1.41
C GLN B 165 -2.75 9.96 -0.91
N LYS B 166 -3.10 11.18 -1.28
CA LYS B 166 -2.30 12.33 -0.88
C LYS B 166 -2.70 12.96 0.46
N TYR B 167 -4.00 13.18 0.64
CA TYR B 167 -4.51 13.84 1.84
C TYR B 167 -5.26 12.93 2.79
N HIS B 168 -5.15 13.26 4.07
CA HIS B 168 -5.81 12.51 5.14
C HIS B 168 -6.26 13.51 6.19
N THR B 169 -7.56 13.53 6.45
CA THR B 169 -8.10 14.47 7.42
C THR B 169 -8.40 13.80 8.75
N VAL B 170 -7.71 14.24 9.79
CA VAL B 170 -7.89 13.72 11.13
C VAL B 170 -8.08 14.89 12.10
N ASN B 171 -9.05 14.75 13.00
CA ASN B 171 -9.35 15.78 13.98
C ASN B 171 -9.51 17.14 13.29
N GLY B 172 -10.22 17.13 12.17
CA GLY B 172 -10.47 18.36 11.44
C GLY B 172 -9.43 18.87 10.45
N HIS B 173 -8.19 18.41 10.54
CA HIS B 173 -7.15 18.90 9.64
C HIS B 173 -6.30 17.81 8.97
N ASN B 174 -5.73 18.15 7.82
CA ASN B 174 -4.90 17.21 7.10
C ASN B 174 -3.72 16.75 7.94
N CYS B 175 -3.24 15.54 7.69
CA CYS B 175 -2.09 14.99 8.40
C CYS B 175 -1.26 14.20 7.40
N GLU B 176 0.00 13.93 7.73
CA GLU B 176 0.87 13.20 6.83
C GLU B 176 0.97 11.74 7.25
N VAL B 177 0.74 10.82 6.32
CA VAL B 177 0.82 9.41 6.65
C VAL B 177 1.93 8.70 5.86
N ARG B 178 2.81 8.01 6.55
CA ARG B 178 3.87 7.28 5.89
C ARG B 178 3.93 5.86 6.42
N LYS B 179 4.60 4.99 5.71
CA LYS B 179 4.76 3.64 6.19
C LYS B 179 5.72 3.78 7.38
N ALA B 180 5.41 3.09 8.47
CA ALA B 180 6.25 3.19 9.65
C ALA B 180 7.58 2.44 9.49
N LEU B 181 8.69 3.17 9.60
CA LEU B 181 10.02 2.55 9.52
C LEU B 181 10.48 2.32 10.95
N SER B 182 11.20 1.22 11.19
CA SER B 182 11.67 0.90 12.52
C SER B 182 12.65 1.96 12.98
N LYS B 183 13.03 1.91 14.26
CA LYS B 183 13.98 2.87 14.80
C LYS B 183 15.27 2.80 13.98
N GLN B 184 15.67 1.57 13.64
CA GLN B 184 16.88 1.37 12.84
C GLN B 184 16.68 1.77 11.38
N GLU B 185 15.52 1.46 10.83
CA GLU B 185 15.26 1.84 9.45
C GLU B 185 15.24 3.37 9.35
N MET B 186 14.84 4.02 10.44
CA MET B 186 14.82 5.48 10.47
C MET B 186 16.25 5.97 10.41
N ALA B 187 17.10 5.37 11.23
CA ALA B 187 18.51 5.73 11.26
C ALA B 187 19.17 5.44 9.92
N SER B 188 18.99 4.23 9.42
CA SER B 188 19.58 3.83 8.15
C SER B 188 19.14 4.72 6.97
N ALA B 189 18.04 5.43 7.14
CA ALA B 189 17.52 6.31 6.11
C ALA B 189 18.10 7.71 6.27
N SER B 190 18.45 8.05 7.50
CA SER B 190 19.03 9.36 7.81
C SER B 190 20.54 9.36 7.53
#